data_6U4B
#
_entry.id   6U4B
#
_cell.length_a   124.030
_cell.length_b   124.030
_cell.length_c   73.050
_cell.angle_alpha   90.000
_cell.angle_beta   90.000
_cell.angle_gamma   120.000
#
_symmetry.space_group_name_H-M   'P 63'
#
loop_
_entity.id
_entity.type
_entity.pdbx_description
1 polymer 'WbbM protein'
2 non-polymer 'MAGNESIUM ION'
3 water water
#
_entity_poly.entity_id   1
_entity_poly.type   'polypeptide(L)'
_entity_poly.pdbx_seq_one_letter_code
;MGSSHHHHHHSSGLVPRGSHMGNIMNNSVKIYTSHHKPSAFLNAAIIKPLHVGKANSCNEIGCPGDDTGDNISFKNPFYC
ELTAHYWVWKNEELADYVGFMHYRRHLNFSEKQTFSEDTWGVVNHPCIDEEYEKIFGLNEETIQRCVEGIDILLPKKWSV
TAAGSKNNYDHYERGEYLHIRDYQAAIAIVEKLYPEYSTAIKTFNDASDGYYTNMFVMRKDIFVDYSEWLFSILDNLEDA
ISMNNYNAQEKRVIGHIAERLFNIYIIKLQQDGELKVKELQRTFVSNETFNGALNPVFDSAVPVVISFDDNYAISGGALI
NSIIRHADKNKNYDIVVLENKVSYLNKTRLVNLTSAHPNVSLRFFDVNAFTEINGVHTRAHFSASTYARLFIPQLFRRYD
KVVFIDSDTVVKADLGELLDVPLGNNLVAAVKDIVMEGFVKFSAMSASDDGVMPAGEYLQKTLNMNNPDEYFQAGIIVFN
VKQMVEENTFAELMRVLKAKKYWFLDQDIMNKVFYSRVTFLPLEWNVYHGNGNTDDFFPNLKFATYMKFLAARKKPKMIH
YAGENKPWNTEKVDFYDDFIENIANTPWEMEIYKRQMSLAASIGLT
;
_entity_poly.pdbx_strand_id   A
#
loop_
_chem_comp.id
_chem_comp.type
_chem_comp.name
_chem_comp.formula
MG non-polymer 'MAGNESIUM ION' 'Mg 2'
#
# COMPACT_ATOMS: atom_id res chain seq x y z
N ASN A 27 26.18 -20.57 -7.25
CA ASN A 27 26.07 -19.13 -7.48
C ASN A 27 24.69 -18.61 -7.05
N SER A 28 24.68 -17.70 -6.09
CA SER A 28 23.45 -17.17 -5.51
C SER A 28 23.42 -15.66 -5.63
N VAL A 29 22.25 -15.13 -5.98
CA VAL A 29 22.05 -13.69 -6.14
C VAL A 29 20.80 -13.29 -5.39
N LYS A 30 20.89 -12.21 -4.60
CA LYS A 30 19.74 -11.61 -3.95
C LYS A 30 19.87 -10.10 -4.06
N ILE A 31 18.93 -9.48 -4.76
CA ILE A 31 18.93 -8.03 -4.99
C ILE A 31 17.65 -7.47 -4.37
N TYR A 32 17.80 -6.36 -3.64
CA TYR A 32 16.70 -5.76 -2.90
C TYR A 32 16.28 -4.45 -3.53
N THR A 33 14.98 -4.23 -3.64
CA THR A 33 14.42 -2.98 -4.15
C THR A 33 13.75 -2.21 -3.01
N SER A 34 13.92 -0.90 -3.01
CA SER A 34 13.44 -0.04 -1.93
C SER A 34 12.15 0.64 -2.36
N HIS A 35 11.09 0.42 -1.58
CA HIS A 35 9.78 1.01 -1.83
C HIS A 35 9.34 1.80 -0.60
N HIS A 36 8.64 2.91 -0.84
CA HIS A 36 8.07 3.73 0.22
C HIS A 36 6.57 3.94 0.06
N LYS A 37 5.98 3.43 -1.01
CA LYS A 37 4.54 3.51 -1.23
C LYS A 37 4.14 2.34 -2.11
N PRO A 38 2.83 2.08 -2.25
CA PRO A 38 2.39 1.02 -3.17
C PRO A 38 2.96 1.22 -4.57
N SER A 39 3.77 0.26 -5.02
CA SER A 39 4.47 0.39 -6.29
C SER A 39 4.80 -1.00 -6.81
N ALA A 40 4.91 -1.10 -8.14
CA ALA A 40 5.01 -2.39 -8.80
C ALA A 40 6.25 -3.16 -8.36
N PHE A 41 6.10 -4.47 -8.21
CA PHE A 41 7.18 -5.37 -7.81
C PHE A 41 7.68 -6.15 -9.02
N LEU A 42 9.00 -6.36 -9.07
CA LEU A 42 9.58 -7.19 -10.11
C LEU A 42 9.25 -8.66 -9.85
N ASN A 43 9.04 -9.40 -10.94
CA ASN A 43 8.52 -10.75 -10.83
C ASN A 43 9.59 -11.77 -10.47
N ALA A 44 10.86 -11.50 -10.72
CA ALA A 44 11.89 -12.49 -10.48
C ALA A 44 12.03 -12.77 -8.99
N ALA A 45 12.16 -14.05 -8.65
CA ALA A 45 12.22 -14.47 -7.25
C ALA A 45 13.49 -13.98 -6.55
N ILE A 46 14.53 -13.64 -7.31
CA ILE A 46 15.77 -13.18 -6.69
C ILE A 46 15.74 -11.71 -6.32
N ILE A 47 14.69 -10.98 -6.70
CA ILE A 47 14.53 -9.59 -6.32
C ILE A 47 13.57 -9.54 -5.12
N LYS A 48 14.05 -9.00 -4.00
CA LYS A 48 13.26 -8.95 -2.78
C LYS A 48 12.86 -7.51 -2.49
N PRO A 49 11.58 -7.15 -2.56
CA PRO A 49 11.19 -5.77 -2.25
C PRO A 49 11.18 -5.50 -0.76
N LEU A 50 11.56 -4.27 -0.40
CA LEU A 50 11.59 -3.82 0.98
C LEU A 50 10.86 -2.50 1.10
N HIS A 51 10.02 -2.39 2.12
CA HIS A 51 9.36 -1.14 2.48
C HIS A 51 10.30 -0.38 3.40
N VAL A 52 11.06 0.55 2.84
CA VAL A 52 12.06 1.27 3.63
C VAL A 52 11.37 2.36 4.43
N GLY A 53 11.94 2.66 5.60
CA GLY A 53 11.31 3.61 6.49
C GLY A 53 9.95 3.18 7.01
N LYS A 54 9.71 1.87 7.09
CA LYS A 54 8.41 1.39 7.53
C LYS A 54 8.14 1.70 8.99
N ALA A 55 9.19 1.85 9.80
CA ALA A 55 9.01 2.23 11.20
C ALA A 55 8.33 3.57 11.35
N ASN A 56 8.43 4.45 10.36
CA ASN A 56 7.76 5.74 10.39
C ASN A 56 6.44 5.75 9.64
N SER A 57 6.06 4.63 9.03
CA SER A 57 4.82 4.53 8.27
C SER A 57 3.79 3.72 9.05
N CYS A 58 2.53 4.10 8.90
CA CYS A 58 1.41 3.35 9.44
C CYS A 58 0.81 2.39 8.42
N ASN A 59 1.35 2.34 7.21
CA ASN A 59 0.73 1.61 6.11
C ASN A 59 1.52 0.38 5.72
N GLU A 60 0.83 -0.52 5.03
CA GLU A 60 1.44 -1.65 4.35
C GLU A 60 1.40 -1.38 2.85
N ILE A 61 2.42 -1.86 2.14
CA ILE A 61 2.48 -1.71 0.68
C ILE A 61 2.60 -3.03 -0.04
N GLY A 62 2.67 -4.15 0.69
CA GLY A 62 2.71 -5.46 0.07
C GLY A 62 4.04 -6.16 0.10
N CYS A 63 4.97 -5.71 0.94
CA CYS A 63 6.28 -6.34 1.05
C CYS A 63 6.80 -6.11 2.46
N PRO A 64 7.76 -6.91 2.92
CA PRO A 64 8.31 -6.70 4.26
C PRO A 64 9.00 -5.35 4.37
N GLY A 65 9.11 -4.88 5.61
CA GLY A 65 9.75 -3.61 5.87
C GLY A 65 11.21 -3.76 6.23
N ASP A 66 11.88 -2.62 6.40
CA ASP A 66 13.24 -2.57 6.89
C ASP A 66 13.32 -2.39 8.40
N ASP A 67 12.23 -2.69 9.12
CA ASP A 67 12.11 -2.32 10.53
C ASP A 67 11.98 -3.54 11.45
N THR A 68 12.46 -4.70 11.03
CA THR A 68 12.46 -5.88 11.88
C THR A 68 13.89 -6.22 12.30
N GLY A 69 14.01 -6.86 13.45
CA GLY A 69 15.32 -7.17 13.99
C GLY A 69 16.17 -5.92 14.17
N ASP A 70 17.48 -6.10 14.01
CA ASP A 70 18.43 -4.99 14.11
C ASP A 70 18.30 -4.11 12.88
N ASN A 71 17.87 -2.86 13.07
CA ASN A 71 17.49 -2.02 11.95
C ASN A 71 17.62 -0.55 12.33
N ILE A 72 17.63 0.31 11.31
CA ILE A 72 17.67 1.76 11.49
C ILE A 72 16.56 2.40 10.67
N SER A 73 15.39 1.74 10.65
CA SER A 73 14.31 2.17 9.76
C SER A 73 13.89 3.61 10.04
N PHE A 74 13.84 4.01 11.32
CA PHE A 74 13.39 5.36 11.65
C PHE A 74 14.35 6.43 11.11
N LYS A 75 15.60 6.07 10.80
CA LYS A 75 16.55 7.01 10.25
C LYS A 75 16.44 7.17 8.73
N ASN A 76 15.43 6.55 8.12
CA ASN A 76 15.27 6.64 6.66
C ASN A 76 15.16 8.06 6.13
N PRO A 77 14.54 9.02 6.83
CA PRO A 77 14.58 10.40 6.31
C PRO A 77 15.97 10.95 6.12
N PHE A 78 16.99 10.37 6.76
CA PHE A 78 18.35 10.86 6.70
C PHE A 78 19.31 9.88 6.03
N TYR A 79 19.12 8.58 6.24
CA TYR A 79 19.99 7.58 5.63
C TYR A 79 19.50 7.13 4.25
N CYS A 80 18.24 7.41 3.91
CA CYS A 80 17.64 7.01 2.62
C CYS A 80 17.78 5.49 2.50
N GLU A 81 18.13 4.98 1.32
CA GLU A 81 18.19 3.53 1.09
C GLU A 81 19.25 2.82 1.92
N LEU A 82 20.08 3.55 2.66
CA LEU A 82 21.03 2.89 3.56
C LEU A 82 20.31 2.05 4.60
N THR A 83 19.06 2.41 4.94
CA THR A 83 18.29 1.60 5.89
C THR A 83 18.00 0.22 5.33
N ALA A 84 17.80 0.09 4.02
CA ALA A 84 17.67 -1.23 3.41
C ALA A 84 19.01 -1.96 3.45
N HIS A 85 20.09 -1.27 3.05
CA HIS A 85 21.44 -1.81 3.16
C HIS A 85 21.70 -2.32 4.57
N TYR A 86 21.46 -1.47 5.57
CA TYR A 86 21.72 -1.85 6.96
C TYR A 86 20.91 -3.08 7.36
N TRP A 87 19.61 -3.10 7.00
CA TRP A 87 18.74 -4.19 7.42
C TRP A 87 19.19 -5.52 6.81
N VAL A 88 19.57 -5.52 5.54
CA VAL A 88 20.06 -6.74 4.91
C VAL A 88 21.37 -7.17 5.57
N TRP A 89 22.25 -6.20 5.84
CA TRP A 89 23.54 -6.50 6.45
C TRP A 89 23.37 -7.22 7.79
N LYS A 90 22.43 -6.75 8.62
CA LYS A 90 22.32 -7.24 9.98
C LYS A 90 21.39 -8.45 10.13
N ASN A 91 20.47 -8.66 9.20
CA ASN A 91 19.40 -9.63 9.41
C ASN A 91 19.28 -10.71 8.33
N GLU A 92 19.78 -10.49 7.13
CA GLU A 92 19.56 -11.41 6.03
C GLU A 92 20.70 -12.42 5.92
N GLU A 93 20.34 -13.64 5.52
CA GLU A 93 21.32 -14.64 5.12
C GLU A 93 21.80 -14.28 3.71
N LEU A 94 23.06 -13.86 3.61
CA LEU A 94 23.56 -13.23 2.39
C LEU A 94 23.86 -14.28 1.33
N ALA A 95 23.33 -14.05 0.12
CA ALA A 95 23.69 -14.88 -1.02
C ALA A 95 25.13 -14.59 -1.44
N ASP A 96 25.59 -15.33 -2.45
CA ASP A 96 26.94 -15.11 -2.97
C ASP A 96 27.11 -13.70 -3.52
N TYR A 97 26.02 -13.10 -4.02
CA TYR A 97 26.02 -11.73 -4.49
C TYR A 97 24.84 -10.99 -3.87
N VAL A 98 25.11 -9.80 -3.33
CA VAL A 98 24.09 -8.97 -2.69
C VAL A 98 23.99 -7.66 -3.44
N GLY A 99 22.76 -7.24 -3.76
CA GLY A 99 22.56 -6.07 -4.58
C GLY A 99 21.38 -5.24 -4.10
N PHE A 100 21.33 -4.01 -4.61
CA PHE A 100 20.28 -3.06 -4.26
C PHE A 100 19.94 -2.22 -5.48
N MET A 101 18.65 -2.06 -5.73
CA MET A 101 18.15 -1.22 -6.81
C MET A 101 16.99 -0.39 -6.28
N HIS A 102 16.65 0.67 -7.01
CA HIS A 102 15.49 1.48 -6.68
C HIS A 102 14.21 0.76 -7.14
N TYR A 103 13.05 1.34 -6.82
CA TYR A 103 11.78 0.71 -7.18
C TYR A 103 11.35 1.04 -8.59
N ARG A 104 11.77 2.18 -9.14
CA ARG A 104 11.49 2.51 -10.54
C ARG A 104 12.77 2.73 -11.34
N ARG A 105 13.93 2.44 -10.75
CA ARG A 105 15.21 2.54 -11.45
C ARG A 105 15.99 1.26 -11.17
N HIS A 106 16.39 0.57 -12.22
CA HIS A 106 17.03 -0.74 -12.11
C HIS A 106 18.29 -0.76 -12.96
N LEU A 107 18.98 -1.91 -12.94
CA LEU A 107 20.17 -2.11 -13.74
C LEU A 107 19.85 -3.05 -14.90
N ASN A 108 20.49 -2.79 -16.05
CA ASN A 108 20.36 -3.64 -17.22
C ASN A 108 21.42 -4.72 -17.14
N PHE A 109 20.98 -5.96 -16.90
CA PHE A 109 21.88 -7.10 -16.80
C PHE A 109 22.04 -7.86 -18.12
N SER A 110 21.37 -7.43 -19.19
CA SER A 110 21.37 -8.18 -20.42
C SER A 110 22.64 -7.93 -21.22
N GLU A 111 22.87 -8.81 -22.20
CA GLU A 111 24.07 -8.69 -23.04
C GLU A 111 24.08 -7.38 -23.81
N LYS A 112 22.93 -6.95 -24.32
CA LYS A 112 22.85 -5.67 -25.01
C LYS A 112 22.96 -4.53 -24.00
N GLN A 113 24.10 -3.85 -24.01
CA GLN A 113 24.30 -2.63 -23.23
C GLN A 113 24.25 -1.39 -24.13
N THR A 114 23.54 -1.50 -25.26
CA THR A 114 23.53 -0.48 -26.29
C THR A 114 22.14 0.12 -26.48
N PHE A 115 21.31 0.09 -25.45
CA PHE A 115 19.97 0.68 -25.54
C PHE A 115 20.07 2.19 -25.59
N SER A 116 19.09 2.79 -26.27
CA SER A 116 19.02 4.25 -26.39
C SER A 116 18.95 4.89 -25.01
N GLU A 117 19.91 5.75 -24.70
CA GLU A 117 19.93 6.52 -23.47
C GLU A 117 19.57 7.96 -23.76
N ASP A 118 19.21 8.71 -22.71
CA ASP A 118 18.78 10.08 -22.92
C ASP A 118 19.77 11.12 -22.43
N THR A 119 19.26 12.30 -22.05
CA THR A 119 20.12 13.39 -21.60
C THR A 119 20.89 13.01 -20.33
N TRP A 120 20.30 12.18 -19.47
CA TRP A 120 20.94 11.81 -18.22
C TRP A 120 21.57 10.42 -18.25
N GLY A 121 21.53 9.73 -19.39
CA GLY A 121 22.14 8.42 -19.48
C GLY A 121 21.32 7.30 -18.89
N VAL A 122 19.99 7.44 -18.91
CA VAL A 122 19.09 6.39 -18.44
C VAL A 122 18.29 5.88 -19.62
N VAL A 123 17.90 4.61 -19.55
CA VAL A 123 17.07 3.98 -20.57
C VAL A 123 15.63 3.97 -20.06
N ASN A 124 14.75 4.66 -20.78
CA ASN A 124 13.37 4.81 -20.33
C ASN A 124 12.50 3.68 -20.88
N HIS A 125 11.53 3.25 -20.08
CA HIS A 125 10.54 2.26 -20.46
C HIS A 125 9.24 2.69 -19.80
N PRO A 126 8.11 2.59 -20.51
CA PRO A 126 6.84 3.14 -19.99
C PRO A 126 6.48 2.62 -18.60
N CYS A 127 6.25 1.32 -18.45
CA CYS A 127 5.89 0.75 -17.17
C CYS A 127 6.57 -0.59 -17.00
N ILE A 128 6.50 -1.13 -15.78
CA ILE A 128 7.10 -2.42 -15.46
C ILE A 128 6.16 -3.52 -15.97
N ASP A 129 6.54 -4.16 -17.08
CA ASP A 129 5.77 -5.28 -17.60
C ASP A 129 6.69 -6.45 -17.91
N GLU A 130 6.17 -7.48 -18.59
CA GLU A 130 6.99 -8.65 -18.88
C GLU A 130 8.06 -8.33 -19.93
N GLU A 131 7.77 -7.44 -20.87
CA GLU A 131 8.79 -7.04 -21.84
C GLU A 131 9.93 -6.28 -21.17
N TYR A 132 9.60 -5.43 -20.19
CA TYR A 132 10.61 -4.68 -19.47
C TYR A 132 11.62 -5.63 -18.80
N GLU A 133 11.12 -6.65 -18.11
CA GLU A 133 12.00 -7.59 -17.43
C GLU A 133 12.78 -8.45 -18.42
N LYS A 134 12.25 -8.65 -19.62
CA LYS A 134 12.92 -9.46 -20.62
C LYS A 134 14.08 -8.70 -21.27
N ILE A 135 13.81 -7.48 -21.74
CA ILE A 135 14.83 -6.76 -22.52
C ILE A 135 15.98 -6.31 -21.62
N PHE A 136 15.70 -6.02 -20.35
CA PHE A 136 16.71 -5.56 -19.43
C PHE A 136 17.25 -6.68 -18.54
N GLY A 137 16.92 -7.92 -18.86
CA GLY A 137 17.53 -9.07 -18.20
C GLY A 137 17.28 -9.15 -16.73
N LEU A 138 16.08 -8.77 -16.27
CA LEU A 138 15.74 -8.79 -14.85
C LEU A 138 15.11 -10.14 -14.47
N ASN A 139 15.91 -11.19 -14.64
CA ASN A 139 15.51 -12.54 -14.27
C ASN A 139 16.74 -13.28 -13.77
N GLU A 140 16.50 -14.44 -13.16
CA GLU A 140 17.58 -15.19 -12.52
C GLU A 140 18.67 -15.58 -13.53
N GLU A 141 18.26 -16.08 -14.69
CA GLU A 141 19.24 -16.59 -15.65
C GLU A 141 20.15 -15.47 -16.17
N THR A 142 19.57 -14.33 -16.57
CA THR A 142 20.37 -13.26 -17.14
C THR A 142 21.23 -12.59 -16.09
N ILE A 143 20.71 -12.45 -14.86
CA ILE A 143 21.48 -11.82 -13.80
C ILE A 143 22.63 -12.72 -13.37
N GLN A 144 22.44 -14.04 -13.40
CA GLN A 144 23.49 -14.95 -12.99
C GLN A 144 24.67 -14.94 -13.96
N ARG A 145 24.38 -14.95 -15.27
CA ARG A 145 25.46 -14.90 -16.25
C ARG A 145 26.17 -13.55 -16.23
N CYS A 146 25.48 -12.50 -15.81
CA CYS A 146 26.09 -11.17 -15.81
C CYS A 146 27.09 -11.02 -14.66
N VAL A 147 26.89 -11.76 -13.58
CA VAL A 147 27.73 -11.63 -12.38
C VAL A 147 28.82 -12.69 -12.33
N GLU A 148 29.03 -13.45 -13.41
CA GLU A 148 29.86 -14.66 -13.43
C GLU A 148 31.16 -14.52 -12.64
N GLY A 149 32.17 -13.87 -13.23
CA GLY A 149 33.44 -13.69 -12.56
C GLY A 149 33.69 -12.25 -12.14
N ILE A 150 32.62 -11.52 -11.85
CA ILE A 150 32.70 -10.10 -11.55
C ILE A 150 32.63 -9.91 -10.04
N ASP A 151 33.36 -8.91 -9.55
CA ASP A 151 33.33 -8.57 -8.12
C ASP A 151 32.21 -7.57 -7.80
N ILE A 152 32.11 -6.50 -8.58
CA ILE A 152 31.14 -5.45 -8.34
C ILE A 152 30.50 -5.04 -9.66
N LEU A 153 29.17 -4.94 -9.68
CA LEU A 153 28.43 -4.39 -10.81
C LEU A 153 27.71 -3.14 -10.34
N LEU A 154 27.62 -2.15 -11.22
CA LEU A 154 27.03 -0.86 -10.86
C LEU A 154 26.82 -0.01 -12.12
N PRO A 155 26.13 1.14 -12.02
CA PRO A 155 25.90 1.95 -13.23
C PRO A 155 27.16 2.63 -13.74
N LYS A 156 27.03 3.33 -14.87
CA LYS A 156 28.13 4.08 -15.43
C LYS A 156 28.46 5.28 -14.54
N LYS A 157 29.74 5.66 -14.54
CA LYS A 157 30.13 6.89 -13.86
C LYS A 157 29.42 8.09 -14.48
N TRP A 158 29.23 9.12 -13.68
CA TRP A 158 28.65 10.38 -14.12
C TRP A 158 29.68 11.49 -13.96
N SER A 159 29.78 12.36 -14.95
CA SER A 159 30.79 13.41 -14.97
C SER A 159 30.26 14.67 -14.31
N VAL A 160 31.01 15.18 -13.33
CA VAL A 160 30.62 16.42 -12.64
C VAL A 160 31.06 17.66 -13.39
N THR A 161 31.92 17.54 -14.40
CA THR A 161 32.37 18.72 -15.13
C THR A 161 31.26 19.29 -16.01
N ALA A 162 30.36 18.44 -16.50
CA ALA A 162 29.23 18.95 -17.28
C ALA A 162 28.28 19.76 -16.43
N ALA A 163 28.13 19.40 -15.15
CA ALA A 163 27.27 20.15 -14.24
C ALA A 163 27.93 21.43 -13.74
N GLY A 164 29.15 21.73 -14.17
CA GLY A 164 29.83 22.96 -13.79
C GLY A 164 30.82 22.82 -12.65
N SER A 165 31.01 21.62 -12.12
CA SER A 165 31.90 21.40 -10.99
C SER A 165 33.32 21.13 -11.46
N LYS A 166 34.29 21.53 -10.64
CA LYS A 166 35.69 21.29 -10.96
C LYS A 166 36.09 19.84 -10.71
N ASN A 167 35.59 19.26 -9.63
CA ASN A 167 35.92 17.88 -9.26
C ASN A 167 34.83 17.39 -8.30
N ASN A 168 35.01 16.16 -7.79
CA ASN A 168 33.95 15.57 -6.96
C ASN A 168 33.80 16.30 -5.64
N TYR A 169 34.91 16.78 -5.07
CA TYR A 169 34.83 17.58 -3.85
C TYR A 169 34.04 18.86 -4.11
N ASP A 170 34.42 19.60 -5.15
CA ASP A 170 33.74 20.84 -5.48
C ASP A 170 32.27 20.59 -5.82
N HIS A 171 31.94 19.41 -6.32
CA HIS A 171 30.55 19.09 -6.65
C HIS A 171 29.70 18.99 -5.40
N TYR A 172 30.27 18.48 -4.31
CA TYR A 172 29.53 18.48 -3.04
C TYR A 172 29.32 19.90 -2.53
N GLU A 173 30.35 20.74 -2.62
CA GLU A 173 30.26 22.08 -2.07
C GLU A 173 29.24 22.93 -2.82
N ARG A 174 29.16 22.77 -4.14
CA ARG A 174 28.21 23.54 -4.94
C ARG A 174 26.80 22.96 -4.92
N GLY A 175 26.58 21.84 -4.23
CA GLY A 175 25.27 21.23 -4.20
C GLY A 175 24.23 22.17 -3.59
N GLU A 176 23.05 22.20 -4.21
CA GLU A 176 22.00 23.10 -3.75
C GLU A 176 21.59 22.80 -2.31
N TYR A 177 21.45 21.52 -1.98
CA TYR A 177 21.04 21.10 -0.64
C TYR A 177 22.18 20.43 0.13
N LEU A 178 23.42 20.75 -0.21
CA LEU A 178 24.59 20.15 0.42
C LEU A 178 25.42 21.22 1.12
N HIS A 179 26.11 20.81 2.16
CA HIS A 179 26.96 21.69 2.95
C HIS A 179 28.30 20.99 3.16
N ILE A 180 29.37 21.55 2.60
CA ILE A 180 30.63 20.85 2.51
C ILE A 180 31.21 20.52 3.88
N ARG A 181 30.83 21.27 4.92
CA ARG A 181 31.30 20.97 6.26
C ARG A 181 30.90 19.56 6.70
N ASP A 182 29.76 19.08 6.22
CA ASP A 182 29.33 17.72 6.55
C ASP A 182 30.23 16.69 5.87
N TYR A 183 30.58 16.92 4.60
CA TYR A 183 31.46 16.01 3.90
C TYR A 183 32.89 16.11 4.43
N GLN A 184 33.33 17.31 4.78
CA GLN A 184 34.63 17.47 5.41
C GLN A 184 34.72 16.67 6.71
N ALA A 185 33.64 16.68 7.49
CA ALA A 185 33.63 15.91 8.75
C ALA A 185 33.76 14.42 8.48
N ALA A 186 33.10 13.93 7.41
CA ALA A 186 33.19 12.52 7.07
C ALA A 186 34.60 12.16 6.57
N ILE A 187 35.23 13.07 5.83
CA ILE A 187 36.58 12.83 5.33
C ILE A 187 37.56 12.68 6.49
N ALA A 188 37.46 13.56 7.49
CA ALA A 188 38.36 13.48 8.64
C ALA A 188 38.20 12.16 9.38
N ILE A 189 36.98 11.61 9.41
CA ILE A 189 36.76 10.36 10.13
C ILE A 189 37.42 9.19 9.39
N VAL A 190 37.29 9.16 8.06
CA VAL A 190 37.97 8.13 7.28
C VAL A 190 39.47 8.22 7.47
N GLU A 191 40.01 9.45 7.51
CA GLU A 191 41.43 9.63 7.71
C GLU A 191 41.88 9.10 9.07
N LYS A 192 41.13 9.42 10.12
CA LYS A 192 41.51 8.98 11.46
C LYS A 192 41.33 7.48 11.63
N LEU A 193 40.15 6.96 11.27
CA LEU A 193 39.85 5.56 11.49
C LEU A 193 40.58 4.65 10.52
N TYR A 194 40.79 5.10 9.29
CA TYR A 194 41.41 4.29 8.23
C TYR A 194 42.48 5.11 7.53
N PRO A 195 43.66 5.23 8.15
CA PRO A 195 44.73 6.03 7.52
C PRO A 195 45.13 5.55 6.14
N GLU A 196 44.95 4.25 5.85
CA GLU A 196 45.35 3.70 4.56
C GLU A 196 44.48 4.19 3.40
N TYR A 197 43.46 5.00 3.66
CA TYR A 197 42.56 5.49 2.63
C TYR A 197 42.88 6.91 2.16
N SER A 198 43.91 7.54 2.72
CA SER A 198 44.16 8.96 2.43
C SER A 198 44.38 9.20 0.94
N THR A 199 45.11 8.30 0.26
CA THR A 199 45.34 8.48 -1.17
C THR A 199 44.07 8.23 -1.97
N ALA A 200 43.25 7.27 -1.54
CA ALA A 200 41.98 7.03 -2.22
C ALA A 200 41.03 8.21 -2.04
N ILE A 201 41.08 8.87 -0.88
CA ILE A 201 40.27 10.06 -0.66
C ILE A 201 40.70 11.18 -1.60
N LYS A 202 42.01 11.38 -1.73
CA LYS A 202 42.53 12.42 -2.62
C LYS A 202 42.17 12.13 -4.07
N THR A 203 42.27 10.87 -4.48
CA THR A 203 42.00 10.49 -5.86
C THR A 203 40.56 10.83 -6.24
N PHE A 204 39.61 10.43 -5.40
CA PHE A 204 38.20 10.68 -5.69
C PHE A 204 37.89 12.17 -5.65
N ASN A 205 38.35 12.87 -4.61
CA ASN A 205 38.03 14.28 -4.48
C ASN A 205 38.57 15.10 -5.64
N ASP A 206 39.74 14.75 -6.16
CA ASP A 206 40.32 15.45 -7.30
C ASP A 206 39.82 14.94 -8.64
N ALA A 207 39.13 13.80 -8.67
CA ALA A 207 38.62 13.27 -9.92
C ALA A 207 37.37 14.04 -10.37
N SER A 208 37.09 13.95 -11.67
CA SER A 208 35.97 14.66 -12.27
C SER A 208 34.77 13.74 -12.54
N ASP A 209 34.79 12.51 -12.04
CA ASP A 209 33.70 11.59 -12.28
C ASP A 209 33.64 10.58 -11.15
N GLY A 210 32.55 9.83 -11.10
CA GLY A 210 32.36 8.83 -10.08
C GLY A 210 30.97 8.25 -10.15
N TYR A 211 30.75 7.24 -9.31
CA TYR A 211 29.48 6.54 -9.26
C TYR A 211 28.57 7.25 -8.26
N TYR A 212 27.70 8.13 -8.77
CA TYR A 212 26.75 8.86 -7.93
C TYR A 212 25.46 8.03 -7.85
N THR A 213 25.50 7.03 -6.97
CA THR A 213 24.45 6.03 -6.91
C THR A 213 24.56 5.28 -5.59
N ASN A 214 23.47 4.61 -5.22
CA ASN A 214 23.47 3.58 -4.20
C ASN A 214 22.98 2.25 -4.79
N MET A 215 23.02 2.13 -6.11
CA MET A 215 22.53 0.96 -6.82
C MET A 215 23.73 0.14 -7.29
N PHE A 216 23.84 -1.08 -6.78
CA PHE A 216 25.00 -1.92 -7.10
C PHE A 216 24.64 -3.37 -6.84
N VAL A 217 25.49 -4.25 -7.38
CA VAL A 217 25.54 -5.67 -7.01
C VAL A 217 27.00 -6.01 -6.76
N MET A 218 27.30 -6.57 -5.59
CA MET A 218 28.67 -6.90 -5.27
C MET A 218 28.74 -8.25 -4.57
N ARG A 219 29.95 -8.80 -4.53
CA ARG A 219 30.18 -10.11 -3.94
C ARG A 219 29.92 -10.09 -2.44
N LYS A 220 29.49 -11.25 -1.93
CA LYS A 220 29.11 -11.38 -0.53
C LYS A 220 30.20 -10.87 0.42
N ASP A 221 31.46 -11.25 0.16
CA ASP A 221 32.53 -10.84 1.05
C ASP A 221 32.85 -9.36 0.89
N ILE A 222 32.75 -8.82 -0.32
CA ILE A 222 32.95 -7.38 -0.51
C ILE A 222 31.82 -6.59 0.14
N PHE A 223 30.59 -7.15 0.13
CA PHE A 223 29.47 -6.45 0.74
C PHE A 223 29.63 -6.33 2.25
N VAL A 224 30.06 -7.41 2.91
CA VAL A 224 30.24 -7.37 4.36
C VAL A 224 31.35 -6.40 4.74
N ASP A 225 32.48 -6.46 4.04
CA ASP A 225 33.60 -5.57 4.34
C ASP A 225 33.20 -4.10 4.14
N TYR A 226 32.53 -3.81 3.02
CA TYR A 226 32.09 -2.44 2.77
C TYR A 226 31.07 -1.99 3.81
N SER A 227 30.19 -2.91 4.25
CA SER A 227 29.20 -2.57 5.25
C SER A 227 29.85 -2.19 6.59
N GLU A 228 30.76 -3.04 7.07
CA GLU A 228 31.46 -2.73 8.32
C GLU A 228 32.23 -1.43 8.21
N TRP A 229 32.83 -1.18 7.05
CA TRP A 229 33.60 0.04 6.84
C TRP A 229 32.69 1.26 6.77
N LEU A 230 31.64 1.19 5.95
CA LEU A 230 30.78 2.36 5.73
C LEU A 230 30.09 2.78 7.02
N PHE A 231 29.48 1.83 7.73
CA PHE A 231 28.67 2.20 8.89
C PHE A 231 29.51 2.51 10.12
N SER A 232 30.76 2.03 10.19
CA SER A 232 31.65 2.52 11.24
C SER A 232 31.94 4.01 11.07
N ILE A 233 32.07 4.45 9.82
CA ILE A 233 32.27 5.87 9.55
C ILE A 233 30.98 6.66 9.84
N LEU A 234 29.84 6.12 9.41
CA LEU A 234 28.58 6.83 9.60
C LEU A 234 28.22 6.93 11.08
N ASP A 235 28.55 5.90 11.88
CA ASP A 235 28.34 5.99 13.32
C ASP A 235 29.09 7.18 13.90
N ASN A 236 30.38 7.31 13.56
CA ASN A 236 31.15 8.46 14.04
C ASN A 236 30.66 9.76 13.43
N LEU A 237 30.16 9.70 12.19
CA LEU A 237 29.67 10.92 11.55
C LEU A 237 28.50 11.53 12.32
N GLU A 238 27.66 10.68 12.91
CA GLU A 238 26.53 11.19 13.69
C GLU A 238 27.00 12.04 14.87
N ASP A 239 28.16 11.72 15.45
CA ASP A 239 28.69 12.49 16.56
C ASP A 239 29.39 13.76 16.11
N ALA A 240 29.79 13.85 14.84
CA ALA A 240 30.66 14.91 14.37
C ALA A 240 29.93 16.04 13.67
N ILE A 241 28.66 15.86 13.27
CA ILE A 241 27.92 16.89 12.57
C ILE A 241 26.63 17.19 13.33
N SER A 242 26.08 18.36 13.03
CA SER A 242 24.78 18.76 13.55
C SER A 242 24.07 19.58 12.48
N MET A 243 22.83 19.20 12.18
CA MET A 243 22.06 19.90 11.16
C MET A 243 21.70 21.30 11.64
N ASN A 244 21.50 22.20 10.67
CA ASN A 244 21.17 23.61 10.95
C ASN A 244 19.88 23.95 10.22
N ASN A 245 18.75 23.61 10.83
CA ASN A 245 17.42 23.85 10.26
C ASN A 245 17.32 23.28 8.85
N TYR A 246 17.72 22.01 8.72
CA TYR A 246 17.72 21.35 7.42
C TYR A 246 16.28 21.03 6.98
N ASN A 247 16.03 21.22 5.69
CA ASN A 247 14.76 20.79 5.11
C ASN A 247 14.87 19.33 4.69
N ALA A 248 13.81 18.81 4.06
CA ALA A 248 13.73 17.39 3.75
C ALA A 248 14.88 16.94 2.84
N GLN A 249 15.29 17.80 1.90
CA GLN A 249 16.39 17.43 1.01
C GLN A 249 17.73 17.47 1.73
N GLU A 250 17.98 18.56 2.47
CA GLU A 250 19.22 18.67 3.22
C GLU A 250 19.35 17.54 4.25
N LYS A 251 18.23 17.09 4.81
CA LYS A 251 18.26 16.06 5.85
C LYS A 251 18.83 14.73 5.35
N ARG A 252 18.79 14.48 4.05
CA ARG A 252 19.39 13.29 3.46
C ARG A 252 20.93 13.37 3.40
N VAL A 253 21.54 14.18 4.27
CA VAL A 253 22.98 14.39 4.23
C VAL A 253 23.74 13.08 4.36
N ILE A 254 23.25 12.17 5.22
CA ILE A 254 23.94 10.89 5.43
C ILE A 254 23.97 10.09 4.13
N GLY A 255 22.81 9.97 3.47
CA GLY A 255 22.76 9.23 2.22
C GLY A 255 23.62 9.87 1.14
N HIS A 256 23.61 11.20 1.06
CA HIS A 256 24.43 11.90 0.08
C HIS A 256 25.90 11.66 0.32
N ILE A 257 26.32 11.67 1.60
CA ILE A 257 27.73 11.47 1.92
C ILE A 257 28.16 10.05 1.59
N ALA A 258 27.28 9.08 1.85
CA ALA A 258 27.58 7.69 1.55
C ALA A 258 27.83 7.44 0.07
N GLU A 259 27.26 8.27 -0.81
CA GLU A 259 27.54 8.14 -2.23
C GLU A 259 29.01 8.42 -2.54
N ARG A 260 29.60 9.37 -1.81
CA ARG A 260 31.01 9.68 -1.98
C ARG A 260 31.89 8.63 -1.34
N LEU A 261 31.51 8.16 -0.14
CA LEU A 261 32.28 7.12 0.54
C LEU A 261 32.31 5.83 -0.28
N PHE A 262 31.21 5.54 -0.98
CA PHE A 262 31.15 4.39 -1.87
C PHE A 262 32.28 4.44 -2.90
N ASN A 263 32.50 5.62 -3.49
CA ASN A 263 33.58 5.77 -4.47
C ASN A 263 34.96 5.66 -3.81
N ILE A 264 35.13 6.30 -2.65
CA ILE A 264 36.41 6.21 -1.95
C ILE A 264 36.75 4.76 -1.63
N TYR A 265 35.75 3.98 -1.24
CA TYR A 265 35.98 2.57 -0.92
C TYR A 265 36.37 1.77 -2.15
N ILE A 266 35.68 1.99 -3.27
CA ILE A 266 35.99 1.24 -4.50
C ILE A 266 37.37 1.60 -5.00
N ILE A 267 37.72 2.89 -5.01
CA ILE A 267 39.02 3.32 -5.51
C ILE A 267 40.14 2.70 -4.69
N LYS A 268 39.94 2.57 -3.38
CA LYS A 268 40.93 1.91 -2.53
C LYS A 268 41.11 0.44 -2.92
N LEU A 269 40.02 -0.24 -3.24
CA LEU A 269 40.11 -1.64 -3.64
C LEU A 269 40.85 -1.78 -4.97
N GLN A 270 40.63 -0.86 -5.90
CA GLN A 270 41.33 -0.91 -7.17
C GLN A 270 42.81 -0.57 -7.02
N GLN A 271 43.16 0.30 -6.07
CA GLN A 271 44.56 0.65 -5.87
C GLN A 271 45.33 -0.47 -5.17
N ASP A 272 44.65 -1.26 -4.33
CA ASP A 272 45.35 -2.33 -3.62
C ASP A 272 45.72 -3.48 -4.55
N GLY A 273 44.81 -3.87 -5.44
CA GLY A 273 45.08 -4.96 -6.35
C GLY A 273 44.00 -5.14 -7.39
N GLU A 274 43.61 -6.39 -7.62
CA GLU A 274 42.59 -6.67 -8.62
C GLU A 274 41.22 -6.17 -8.16
N LEU A 275 40.38 -5.83 -9.14
CA LEU A 275 38.94 -5.69 -8.92
C LEU A 275 38.26 -5.62 -10.28
N LYS A 276 37.35 -6.55 -10.54
CA LYS A 276 36.65 -6.64 -11.81
C LYS A 276 35.29 -5.96 -11.67
N VAL A 277 35.13 -4.85 -12.38
CA VAL A 277 33.93 -4.01 -12.30
C VAL A 277 33.23 -4.06 -13.66
N LYS A 278 31.92 -4.28 -13.63
CA LYS A 278 31.11 -4.28 -14.86
C LYS A 278 30.08 -3.17 -14.75
N GLU A 279 30.24 -2.14 -15.56
CA GLU A 279 29.29 -1.03 -15.58
C GLU A 279 28.10 -1.37 -16.46
N LEU A 280 26.91 -1.17 -15.93
CA LEU A 280 25.67 -1.50 -16.61
C LEU A 280 24.87 -0.23 -16.87
N GLN A 281 23.95 -0.32 -17.84
CA GLN A 281 23.05 0.80 -18.10
C GLN A 281 22.01 0.93 -16.99
N ARG A 282 21.50 2.15 -16.82
CA ARG A 282 20.43 2.43 -15.87
C ARG A 282 19.09 2.49 -16.61
N THR A 283 18.04 2.03 -15.94
CA THR A 283 16.69 2.11 -16.48
C THR A 283 15.85 3.06 -15.65
N PHE A 284 14.77 3.55 -16.27
CA PHE A 284 13.77 4.34 -15.57
C PHE A 284 12.39 3.97 -16.07
N VAL A 285 11.46 3.83 -15.14
CA VAL A 285 10.07 3.49 -15.42
C VAL A 285 9.23 4.74 -15.26
N SER A 286 8.64 5.20 -16.37
CA SER A 286 7.97 6.49 -16.38
C SER A 286 6.56 6.46 -15.82
N ASN A 287 5.92 5.29 -15.78
CA ASN A 287 4.55 5.17 -15.28
C ASN A 287 4.53 4.22 -14.09
N GLU A 288 4.16 4.73 -12.93
CA GLU A 288 4.07 3.91 -11.73
C GLU A 288 2.79 3.10 -11.75
N THR A 289 2.88 1.83 -11.38
CA THR A 289 1.73 0.94 -11.26
C THR A 289 1.80 0.24 -9.91
N PHE A 290 0.82 -0.61 -9.64
CA PHE A 290 0.80 -1.43 -8.44
C PHE A 290 0.30 -2.83 -8.78
N ASN A 291 1.06 -3.84 -8.36
CA ASN A 291 0.73 -5.23 -8.67
C ASN A 291 0.79 -6.13 -7.44
N GLY A 292 0.97 -5.58 -6.25
CA GLY A 292 1.10 -6.36 -5.04
C GLY A 292 -0.23 -6.85 -4.48
N ALA A 293 -0.14 -7.45 -3.30
CA ALA A 293 -1.29 -7.99 -2.60
C ALA A 293 -0.95 -8.10 -1.12
N LEU A 294 -1.97 -8.09 -0.28
CA LEU A 294 -1.78 -8.17 1.17
C LEU A 294 -1.78 -9.63 1.62
N ASN A 295 -0.85 -9.96 2.49
CA ASN A 295 -0.82 -11.31 2.97
C ASN A 295 -1.53 -11.43 4.32
N PRO A 296 -2.14 -12.58 4.60
CA PRO A 296 -2.75 -12.79 5.91
C PRO A 296 -1.71 -12.68 7.02
N VAL A 297 -2.14 -12.16 8.17
CA VAL A 297 -1.26 -12.03 9.32
C VAL A 297 -1.43 -13.15 10.32
N PHE A 298 -2.56 -13.84 10.33
CA PHE A 298 -2.76 -15.06 11.09
C PHE A 298 -2.89 -16.24 10.12
N ASP A 299 -2.66 -17.44 10.65
CA ASP A 299 -2.92 -18.64 9.85
C ASP A 299 -4.42 -18.80 9.59
N SER A 300 -5.26 -18.46 10.55
CA SER A 300 -6.70 -18.47 10.37
C SER A 300 -7.29 -17.30 11.13
N ALA A 301 -8.08 -16.48 10.44
CA ALA A 301 -8.66 -15.29 11.05
C ALA A 301 -9.90 -14.89 10.28
N VAL A 302 -10.59 -13.89 10.81
CA VAL A 302 -11.74 -13.27 10.16
C VAL A 302 -11.26 -12.01 9.45
N PRO A 303 -11.07 -12.04 8.13
CA PRO A 303 -10.60 -10.85 7.42
C PRO A 303 -11.74 -9.85 7.23
N VAL A 304 -11.54 -8.64 7.75
CA VAL A 304 -12.55 -7.58 7.71
C VAL A 304 -11.94 -6.39 6.97
N VAL A 305 -12.64 -5.92 5.94
CA VAL A 305 -12.15 -4.84 5.08
C VAL A 305 -13.08 -3.64 5.23
N ILE A 306 -12.49 -2.49 5.54
CA ILE A 306 -13.21 -1.24 5.72
C ILE A 306 -12.52 -0.18 4.86
N SER A 307 -13.29 0.80 4.41
CA SER A 307 -12.77 1.87 3.58
C SER A 307 -13.34 3.20 4.04
N PHE A 308 -12.48 4.16 4.32
CA PHE A 308 -12.93 5.50 4.66
C PHE A 308 -11.78 6.49 4.52
N ASP A 309 -12.15 7.77 4.44
CA ASP A 309 -11.19 8.86 4.46
C ASP A 309 -11.09 9.41 5.88
N ASP A 310 -10.37 10.52 6.04
CA ASP A 310 -10.15 11.06 7.38
C ASP A 310 -11.44 11.56 8.01
N ASN A 311 -12.34 12.14 7.20
CA ASN A 311 -13.58 12.67 7.74
C ASN A 311 -14.51 11.59 8.26
N TYR A 312 -14.33 10.34 7.84
CA TYR A 312 -15.10 9.22 8.38
C TYR A 312 -14.28 8.35 9.31
N ALA A 313 -13.12 8.84 9.77
CA ALA A 313 -12.30 8.07 10.70
C ALA A 313 -13.01 7.87 12.04
N ILE A 314 -13.81 8.85 12.47
CA ILE A 314 -14.58 8.70 13.70
C ILE A 314 -15.57 7.55 13.56
N SER A 315 -16.26 7.48 12.42
CA SER A 315 -17.17 6.37 12.19
C SER A 315 -16.44 5.04 12.15
N GLY A 316 -15.26 5.01 11.52
CA GLY A 316 -14.48 3.78 11.47
C GLY A 316 -13.98 3.35 12.84
N GLY A 317 -13.65 4.31 13.70
CA GLY A 317 -13.25 3.95 15.05
C GLY A 317 -14.36 3.27 15.83
N ALA A 318 -15.58 3.82 15.76
CA ALA A 318 -16.71 3.19 16.42
C ALA A 318 -16.98 1.79 15.88
N LEU A 319 -16.90 1.63 14.56
CA LEU A 319 -17.09 0.31 13.95
C LEU A 319 -16.05 -0.68 14.45
N ILE A 320 -14.77 -0.31 14.34
CA ILE A 320 -13.70 -1.21 14.75
C ILE A 320 -13.83 -1.55 16.24
N ASN A 321 -14.18 -0.55 17.05
CA ASN A 321 -14.39 -0.83 18.47
C ASN A 321 -15.57 -1.79 18.67
N SER A 322 -16.63 -1.64 17.86
CA SER A 322 -17.75 -2.57 17.97
C SER A 322 -17.35 -3.97 17.55
N ILE A 323 -16.47 -4.09 16.55
CA ILE A 323 -15.98 -5.40 16.14
C ILE A 323 -15.19 -6.04 17.27
N ILE A 324 -14.33 -5.26 17.94
CA ILE A 324 -13.55 -5.78 19.05
C ILE A 324 -14.46 -6.21 20.20
N ARG A 325 -15.49 -5.42 20.50
CA ARG A 325 -16.30 -5.70 21.68
C ARG A 325 -17.12 -6.97 21.51
N HIS A 326 -17.42 -7.36 20.28
CA HIS A 326 -18.19 -8.57 19.99
C HIS A 326 -17.32 -9.67 19.41
N ALA A 327 -15.99 -9.55 19.53
CA ALA A 327 -15.09 -10.54 18.98
C ALA A 327 -15.06 -11.80 19.85
N ASP A 328 -14.92 -12.95 19.20
CA ASP A 328 -14.74 -14.20 19.91
C ASP A 328 -13.29 -14.29 20.38
N LYS A 329 -13.11 -14.62 21.66
CA LYS A 329 -11.77 -14.71 22.22
C LYS A 329 -10.94 -15.81 21.54
N ASN A 330 -11.60 -16.84 21.04
CA ASN A 330 -10.93 -17.96 20.39
C ASN A 330 -10.81 -17.78 18.88
N LYS A 331 -11.05 -16.58 18.37
CA LYS A 331 -10.88 -16.28 16.96
C LYS A 331 -9.89 -15.13 16.79
N ASN A 332 -9.30 -15.05 15.60
CA ASN A 332 -8.44 -13.96 15.22
C ASN A 332 -9.15 -13.07 14.20
N TYR A 333 -8.82 -11.78 14.20
CA TYR A 333 -9.50 -10.81 13.36
C TYR A 333 -8.47 -9.98 12.63
N ASP A 334 -8.49 -10.06 11.30
CA ASP A 334 -7.52 -9.42 10.40
C ASP A 334 -8.23 -8.25 9.73
N ILE A 335 -8.11 -7.07 10.35
CA ILE A 335 -8.80 -5.88 9.87
C ILE A 335 -7.85 -5.08 9.00
N VAL A 336 -8.30 -4.73 7.80
CA VAL A 336 -7.52 -3.91 6.88
C VAL A 336 -8.38 -2.72 6.47
N VAL A 337 -7.87 -1.52 6.69
CA VAL A 337 -8.55 -0.29 6.32
C VAL A 337 -7.95 0.24 5.02
N LEU A 338 -8.77 0.33 3.98
CA LEU A 338 -8.38 0.99 2.73
C LEU A 338 -8.56 2.49 2.96
N GLU A 339 -7.47 3.17 3.34
CA GLU A 339 -7.55 4.54 3.82
C GLU A 339 -7.29 5.51 2.68
N ASN A 340 -8.04 6.61 2.69
CA ASN A 340 -7.90 7.71 1.73
C ASN A 340 -7.45 8.94 2.51
N LYS A 341 -6.13 9.05 2.69
CA LYS A 341 -5.52 10.21 3.36
C LYS A 341 -6.07 10.41 4.76
N VAL A 342 -6.21 9.31 5.50
CA VAL A 342 -6.50 9.41 6.93
C VAL A 342 -5.27 9.94 7.64
N SER A 343 -5.48 10.86 8.58
CA SER A 343 -4.38 11.53 9.24
C SER A 343 -3.51 10.55 10.00
N TYR A 344 -2.24 10.94 10.21
CA TYR A 344 -1.34 10.12 11.02
C TYR A 344 -1.89 9.96 12.43
N LEU A 345 -2.45 11.04 13.00
CA LEU A 345 -3.05 10.96 14.33
C LEU A 345 -4.19 9.95 14.37
N ASN A 346 -5.09 10.01 13.39
CA ASN A 346 -6.23 9.11 13.39
C ASN A 346 -5.81 7.67 13.15
N LYS A 347 -4.84 7.44 12.26
CA LYS A 347 -4.33 6.09 12.04
C LYS A 347 -3.72 5.53 13.33
N THR A 348 -2.99 6.37 14.07
CA THR A 348 -2.43 5.94 15.34
C THR A 348 -3.52 5.60 16.35
N ARG A 349 -4.53 6.46 16.47
CA ARG A 349 -5.64 6.21 17.38
C ARG A 349 -6.37 4.93 17.03
N LEU A 350 -6.53 4.64 15.73
CA LEU A 350 -7.25 3.45 15.30
C LEU A 350 -6.50 2.18 15.68
N VAL A 351 -5.19 2.16 15.46
CA VAL A 351 -4.38 1.00 15.85
C VAL A 351 -4.42 0.83 17.36
N ASN A 352 -4.37 1.94 18.11
CA ASN A 352 -4.39 1.87 19.56
C ASN A 352 -5.64 1.20 20.11
N LEU A 353 -6.71 1.13 19.31
CA LEU A 353 -7.89 0.38 19.72
C LEU A 353 -7.62 -1.12 19.80
N THR A 354 -6.63 -1.62 19.06
CA THR A 354 -6.34 -3.04 18.99
C THR A 354 -5.15 -3.46 19.84
N SER A 355 -4.51 -2.51 20.53
CA SER A 355 -3.24 -2.80 21.19
C SER A 355 -3.40 -3.82 22.31
N ALA A 356 -4.51 -3.75 23.05
CA ALA A 356 -4.73 -4.67 24.16
C ALA A 356 -5.30 -6.01 23.71
N HIS A 357 -5.44 -6.24 22.40
CA HIS A 357 -6.11 -7.41 21.85
C HIS A 357 -5.18 -8.11 20.88
N PRO A 358 -4.44 -9.12 21.33
CA PRO A 358 -3.50 -9.80 20.42
C PRO A 358 -4.19 -10.60 19.32
N ASN A 359 -5.49 -10.85 19.44
CA ASN A 359 -6.24 -11.57 18.41
C ASN A 359 -6.87 -10.65 17.38
N VAL A 360 -6.56 -9.35 17.44
CA VAL A 360 -7.12 -8.36 16.51
C VAL A 360 -5.96 -7.58 15.90
N SER A 361 -5.80 -7.68 14.59
CA SER A 361 -4.81 -6.92 13.86
C SER A 361 -5.49 -5.81 13.05
N LEU A 362 -4.80 -4.69 12.92
CA LEU A 362 -5.27 -3.55 12.13
C LEU A 362 -4.13 -3.07 11.25
N ARG A 363 -4.36 -3.05 9.94
CA ARG A 363 -3.39 -2.55 8.98
C ARG A 363 -4.07 -1.57 8.04
N PHE A 364 -3.27 -0.69 7.45
CA PHE A 364 -3.76 0.34 6.54
C PHE A 364 -3.14 0.14 5.17
N PHE A 365 -3.94 0.39 4.13
CA PHE A 365 -3.46 0.38 2.76
C PHE A 365 -4.01 1.62 2.05
N ASP A 366 -3.13 2.34 1.36
CA ASP A 366 -3.54 3.52 0.60
C ASP A 366 -4.49 3.10 -0.51
N VAL A 367 -5.78 3.45 -0.36
CA VAL A 367 -6.78 3.05 -1.35
C VAL A 367 -6.49 3.64 -2.72
N ASN A 368 -5.76 4.77 -2.78
CA ASN A 368 -5.54 5.47 -4.03
C ASN A 368 -4.61 4.72 -4.98
N ALA A 369 -3.94 3.66 -4.52
CA ALA A 369 -3.16 2.83 -5.42
C ALA A 369 -4.03 2.10 -6.43
N PHE A 370 -5.34 2.02 -6.17
CA PHE A 370 -6.24 1.30 -7.08
C PHE A 370 -6.39 1.99 -8.42
N THR A 371 -6.04 3.27 -8.53
CA THR A 371 -6.17 3.97 -9.81
C THR A 371 -5.11 3.55 -10.82
N GLU A 372 -4.15 2.71 -10.43
CA GLU A 372 -3.04 2.34 -11.29
C GLU A 372 -2.69 0.86 -11.12
N ILE A 373 -3.70 0.01 -11.06
CA ILE A 373 -3.48 -1.44 -11.02
C ILE A 373 -2.94 -1.91 -12.37
N VAL A 376 -5.22 -3.13 -16.71
CA VAL A 376 -6.48 -3.31 -16.01
C VAL A 376 -7.04 -1.95 -15.59
N HIS A 377 -7.41 -1.13 -16.57
CA HIS A 377 -7.81 0.23 -16.27
C HIS A 377 -9.03 0.66 -17.09
N THR A 378 -9.71 1.68 -16.58
CA THR A 378 -10.66 2.50 -17.33
C THR A 378 -10.04 3.90 -17.41
N ARG A 379 -9.54 4.27 -18.59
CA ARG A 379 -8.78 5.54 -18.58
C ARG A 379 -9.67 6.78 -18.41
N ALA A 380 -10.96 6.66 -18.13
CA ALA A 380 -11.74 7.76 -17.58
C ALA A 380 -11.33 7.99 -16.12
N HIS A 381 -11.78 9.13 -15.58
CA HIS A 381 -11.48 9.48 -14.19
C HIS A 381 -12.51 8.86 -13.26
N PHE A 382 -12.03 8.35 -12.12
CA PHE A 382 -12.90 7.77 -11.11
C PHE A 382 -12.17 7.81 -9.79
N SER A 383 -12.93 7.72 -8.71
CA SER A 383 -12.36 7.76 -7.36
C SER A 383 -12.03 6.35 -6.90
N ALA A 384 -10.80 6.16 -6.41
CA ALA A 384 -10.42 4.85 -5.88
C ALA A 384 -11.24 4.50 -4.65
N SER A 385 -11.59 5.50 -3.83
CA SER A 385 -12.38 5.23 -2.64
C SER A 385 -13.84 4.95 -3.00
N THR A 386 -14.39 5.68 -3.97
CA THR A 386 -15.77 5.45 -4.37
C THR A 386 -15.97 4.03 -4.88
N TYR A 387 -14.98 3.46 -5.55
CA TYR A 387 -15.08 2.14 -6.15
C TYR A 387 -14.17 1.12 -5.48
N ALA A 388 -13.81 1.36 -4.22
CA ALA A 388 -12.84 0.50 -3.53
C ALA A 388 -13.29 -0.95 -3.49
N ARG A 389 -14.61 -1.17 -3.30
CA ARG A 389 -15.11 -2.54 -3.18
C ARG A 389 -14.78 -3.38 -4.41
N LEU A 390 -14.75 -2.76 -5.59
CA LEU A 390 -14.46 -3.49 -6.82
C LEU A 390 -13.06 -4.10 -6.82
N PHE A 391 -12.13 -3.53 -6.05
CA PHE A 391 -10.74 -3.99 -6.07
C PHE A 391 -10.44 -5.01 -4.99
N ILE A 392 -11.44 -5.41 -4.21
CA ILE A 392 -11.21 -6.41 -3.16
C ILE A 392 -10.71 -7.74 -3.72
N PRO A 393 -11.28 -8.31 -4.79
CA PRO A 393 -10.72 -9.58 -5.30
C PRO A 393 -9.29 -9.49 -5.79
N GLN A 394 -8.78 -8.30 -6.09
CA GLN A 394 -7.40 -8.17 -6.55
C GLN A 394 -6.43 -7.98 -5.39
N LEU A 395 -6.69 -6.99 -4.53
CA LEU A 395 -5.77 -6.73 -3.41
C LEU A 395 -5.76 -7.90 -2.43
N PHE A 396 -6.91 -8.54 -2.21
CA PHE A 396 -7.03 -9.62 -1.24
C PHE A 396 -7.06 -10.99 -1.90
N ARG A 397 -6.44 -11.13 -3.08
CA ARG A 397 -6.50 -12.37 -3.85
C ARG A 397 -5.82 -13.54 -3.15
N ARG A 398 -5.05 -13.30 -2.09
CA ARG A 398 -4.45 -14.38 -1.32
C ARG A 398 -5.31 -14.85 -0.16
N TYR A 399 -6.51 -14.29 -0.02
CA TYR A 399 -7.47 -14.73 0.99
C TYR A 399 -8.51 -15.64 0.34
N ASP A 400 -9.02 -16.59 1.12
CA ASP A 400 -10.12 -17.41 0.64
C ASP A 400 -11.44 -16.65 0.68
N LYS A 401 -11.79 -16.10 1.83
CA LYS A 401 -12.99 -15.29 1.97
C LYS A 401 -12.68 -14.05 2.81
N VAL A 402 -13.41 -12.97 2.51
CA VAL A 402 -13.20 -11.66 3.10
C VAL A 402 -14.55 -11.00 3.31
N VAL A 403 -14.72 -10.34 4.46
CA VAL A 403 -15.95 -9.64 4.79
C VAL A 403 -15.71 -8.14 4.66
N PHE A 404 -16.41 -7.51 3.71
CA PHE A 404 -16.41 -6.05 3.63
C PHE A 404 -17.60 -5.50 4.41
N ILE A 405 -17.39 -4.34 5.04
CA ILE A 405 -18.47 -3.67 5.76
C ILE A 405 -18.29 -2.17 5.61
N ASP A 406 -19.40 -1.47 5.38
CA ASP A 406 -19.39 -0.01 5.31
C ASP A 406 -18.86 0.58 6.61
N SER A 407 -18.23 1.76 6.49
CA SER A 407 -17.65 2.41 7.65
C SER A 407 -18.70 3.07 8.55
N ASP A 408 -19.87 3.42 8.01
CA ASP A 408 -20.91 4.05 8.81
C ASP A 408 -21.82 3.02 9.46
N THR A 409 -21.21 2.02 10.09
CA THR A 409 -21.93 0.94 10.76
C THR A 409 -21.35 0.69 12.14
N VAL A 410 -22.10 -0.04 12.96
CA VAL A 410 -21.60 -0.71 14.14
C VAL A 410 -22.20 -2.11 14.16
N VAL A 411 -21.40 -3.08 14.61
CA VAL A 411 -21.87 -4.45 14.69
C VAL A 411 -22.36 -4.72 16.11
N LYS A 412 -23.33 -5.63 16.23
CA LYS A 412 -23.83 -6.09 17.52
C LYS A 412 -23.55 -7.58 17.72
N ALA A 413 -22.70 -8.17 16.89
CA ALA A 413 -22.45 -9.60 16.94
C ALA A 413 -21.06 -9.89 16.37
N ASP A 414 -20.63 -11.13 16.57
CA ASP A 414 -19.36 -11.59 16.03
C ASP A 414 -19.43 -11.63 14.51
N LEU A 415 -18.57 -10.85 13.84
CA LEU A 415 -18.53 -10.89 12.38
C LEU A 415 -18.05 -12.24 11.87
N GLY A 416 -17.44 -13.07 12.72
CA GLY A 416 -16.92 -14.35 12.30
C GLY A 416 -17.95 -15.34 11.83
N GLU A 417 -19.20 -15.21 12.29
CA GLU A 417 -20.21 -16.16 11.85
C GLU A 417 -20.66 -15.92 10.41
N LEU A 418 -20.38 -14.74 9.85
CA LEU A 418 -20.58 -14.54 8.42
C LEU A 418 -19.66 -15.44 7.61
N LEU A 419 -18.48 -15.77 8.14
CA LEU A 419 -17.56 -16.67 7.46
C LEU A 419 -18.04 -18.11 7.50
N ASP A 420 -18.94 -18.46 8.41
CA ASP A 420 -19.45 -19.82 8.52
C ASP A 420 -20.64 -20.09 7.60
N VAL A 421 -21.19 -19.07 6.97
CA VAL A 421 -22.34 -19.26 6.08
C VAL A 421 -21.88 -20.03 4.84
N PRO A 422 -22.54 -21.13 4.48
CA PRO A 422 -22.15 -21.88 3.27
C PRO A 422 -22.37 -21.03 2.02
N LEU A 423 -21.31 -20.87 1.23
CA LEU A 423 -21.37 -20.06 0.02
C LEU A 423 -21.41 -20.86 -1.27
N GLY A 424 -20.97 -22.11 -1.26
CA GLY A 424 -20.88 -22.85 -2.51
C GLY A 424 -19.90 -22.17 -3.46
N ASN A 425 -20.28 -22.11 -4.74
CA ASN A 425 -19.52 -21.33 -5.71
C ASN A 425 -20.16 -19.97 -6.00
N ASN A 426 -21.06 -19.52 -5.13
CA ASN A 426 -21.56 -18.16 -5.23
C ASN A 426 -20.41 -17.18 -5.03
N LEU A 427 -20.53 -16.01 -5.67
CA LEU A 427 -19.43 -15.06 -5.63
C LEU A 427 -19.45 -14.21 -4.36
N VAL A 428 -20.64 -13.92 -3.83
CA VAL A 428 -20.77 -13.09 -2.64
C VAL A 428 -21.94 -13.58 -1.79
N ALA A 429 -21.92 -13.13 -0.53
CA ALA A 429 -23.08 -13.20 0.35
C ALA A 429 -23.39 -11.78 0.80
N ALA A 430 -24.67 -11.42 0.75
CA ALA A 430 -25.08 -10.04 1.04
C ALA A 430 -26.54 -10.03 1.45
N VAL A 431 -26.99 -8.87 1.93
CA VAL A 431 -28.36 -8.68 2.39
C VAL A 431 -29.17 -8.06 1.27
N LYS A 432 -30.37 -8.61 1.05
CA LYS A 432 -31.28 -8.06 0.06
C LYS A 432 -31.61 -6.62 0.39
N ASP A 433 -31.55 -5.76 -0.63
CA ASP A 433 -31.74 -4.31 -0.47
C ASP A 433 -33.23 -4.01 -0.47
N ILE A 434 -33.80 -3.75 0.71
CA ILE A 434 -35.22 -3.43 0.77
C ILE A 434 -35.50 -1.99 0.35
N VAL A 435 -34.50 -1.11 0.39
CA VAL A 435 -34.70 0.24 -0.13
C VAL A 435 -34.87 0.20 -1.65
N MET A 436 -34.00 -0.56 -2.34
CA MET A 436 -34.20 -0.78 -3.76
C MET A 436 -35.51 -1.50 -4.03
N GLU A 437 -35.91 -2.40 -3.14
CA GLU A 437 -37.22 -3.03 -3.26
C GLU A 437 -38.32 -1.99 -3.27
N GLY A 438 -38.19 -0.94 -2.45
CA GLY A 438 -39.16 0.14 -2.48
C GLY A 438 -39.05 0.99 -3.73
N PHE A 439 -37.83 1.25 -4.18
CA PHE A 439 -37.65 2.02 -5.40
C PHE A 439 -38.33 1.35 -6.59
N VAL A 440 -38.21 0.02 -6.68
CA VAL A 440 -38.85 -0.69 -7.79
C VAL A 440 -40.37 -0.66 -7.64
N LYS A 441 -40.86 -0.91 -6.42
CA LYS A 441 -42.30 -0.95 -6.20
C LYS A 441 -42.96 0.40 -6.45
N PHE A 442 -42.28 1.50 -6.11
CA PHE A 442 -42.86 2.83 -6.23
C PHE A 442 -42.39 3.58 -7.47
N SER A 443 -41.76 2.88 -8.42
CA SER A 443 -41.40 3.46 -9.72
C SER A 443 -40.51 4.69 -9.56
N ALA A 444 -39.53 4.61 -8.68
CA ALA A 444 -38.56 5.68 -8.54
C ALA A 444 -37.72 5.80 -9.80
N MET A 445 -37.49 7.03 -10.24
CA MET A 445 -36.78 7.28 -11.49
C MET A 445 -35.29 7.07 -11.28
N SER A 446 -34.69 6.21 -12.10
CA SER A 446 -33.26 5.99 -12.07
C SER A 446 -32.54 7.07 -12.86
N ALA A 447 -31.21 7.11 -12.72
CA ALA A 447 -30.39 8.08 -13.43
C ALA A 447 -29.05 7.45 -13.72
N SER A 448 -28.69 7.36 -15.01
CA SER A 448 -27.42 6.77 -15.43
C SER A 448 -27.14 7.24 -16.85
N ASP A 449 -26.13 6.64 -17.48
CA ASP A 449 -25.82 6.95 -18.87
C ASP A 449 -26.90 6.48 -19.83
N ASP A 450 -27.77 5.56 -19.40
CA ASP A 450 -28.86 5.08 -20.24
C ASP A 450 -30.13 5.92 -20.12
N GLY A 451 -30.05 7.09 -19.49
CA GLY A 451 -31.19 7.98 -19.43
C GLY A 451 -31.88 8.01 -18.08
N VAL A 452 -33.22 8.03 -18.09
CA VAL A 452 -34.03 8.05 -16.89
C VAL A 452 -35.20 7.09 -17.09
N MET A 453 -35.33 6.10 -16.22
CA MET A 453 -36.37 5.10 -16.34
C MET A 453 -36.75 4.61 -14.95
N PRO A 454 -37.90 3.97 -14.80
CA PRO A 454 -38.25 3.37 -13.51
C PRO A 454 -37.16 2.39 -13.06
N ALA A 455 -37.00 2.29 -11.75
CA ALA A 455 -35.92 1.48 -11.18
C ALA A 455 -36.03 0.02 -11.61
N GLY A 456 -37.27 -0.49 -11.71
CA GLY A 456 -37.45 -1.86 -12.14
C GLY A 456 -36.94 -2.10 -13.55
N GLU A 457 -37.27 -1.20 -14.47
CA GLU A 457 -36.78 -1.33 -15.84
C GLU A 457 -35.26 -1.15 -15.89
N TYR A 458 -34.73 -0.23 -15.09
CA TYR A 458 -33.29 -0.02 -15.03
C TYR A 458 -32.56 -1.28 -14.58
N LEU A 459 -33.11 -1.98 -13.57
CA LEU A 459 -32.48 -3.19 -13.09
C LEU A 459 -32.49 -4.29 -14.15
N GLN A 460 -33.58 -4.39 -14.91
CA GLN A 460 -33.67 -5.46 -15.90
C GLN A 460 -32.84 -5.17 -17.14
N LYS A 461 -32.82 -3.92 -17.60
CA LYS A 461 -32.16 -3.58 -18.86
C LYS A 461 -30.69 -3.26 -18.65
N THR A 462 -30.39 -2.29 -17.77
CA THR A 462 -29.01 -1.86 -17.60
C THR A 462 -28.20 -2.89 -16.80
N LEU A 463 -28.79 -3.46 -15.76
CA LEU A 463 -28.08 -4.40 -14.91
C LEU A 463 -28.26 -5.85 -15.34
N ASN A 464 -29.12 -6.11 -16.32
CA ASN A 464 -29.33 -7.46 -16.86
C ASN A 464 -29.69 -8.46 -15.76
N MET A 465 -30.59 -8.05 -14.87
CA MET A 465 -31.11 -8.90 -13.81
C MET A 465 -32.53 -9.30 -14.18
N ASN A 466 -32.73 -10.58 -14.50
CA ASN A 466 -34.07 -11.03 -14.87
C ASN A 466 -35.06 -10.84 -13.72
N ASN A 467 -34.58 -10.94 -12.48
CA ASN A 467 -35.41 -10.71 -11.30
C ASN A 467 -34.87 -9.53 -10.51
N PRO A 468 -35.42 -8.32 -10.71
CA PRO A 468 -34.94 -7.16 -9.95
C PRO A 468 -35.05 -7.32 -8.45
N ASP A 469 -35.81 -8.31 -7.97
CA ASP A 469 -36.00 -8.50 -6.55
C ASP A 469 -34.77 -9.04 -5.85
N GLU A 470 -33.79 -9.55 -6.60
CA GLU A 470 -32.58 -10.11 -6.01
C GLU A 470 -31.48 -9.06 -5.82
N TYR A 471 -31.82 -7.78 -5.97
CA TYR A 471 -30.86 -6.70 -5.77
C TYR A 471 -30.41 -6.67 -4.32
N PHE A 472 -29.09 -6.73 -4.10
CA PHE A 472 -28.53 -6.80 -2.76
C PHE A 472 -27.84 -5.48 -2.39
N GLN A 473 -27.80 -5.21 -1.08
CA GLN A 473 -27.17 -4.00 -0.57
C GLN A 473 -25.69 -4.25 -0.33
N ALA A 474 -24.87 -3.26 -0.66
CA ALA A 474 -23.41 -3.39 -0.64
C ALA A 474 -22.78 -2.97 0.67
N GLY A 475 -23.58 -2.66 1.70
CA GLY A 475 -23.03 -2.21 2.97
C GLY A 475 -22.34 -3.30 3.77
N ILE A 476 -22.59 -4.56 3.45
CA ILE A 476 -21.88 -5.67 4.06
C ILE A 476 -21.86 -6.83 3.06
N ILE A 477 -20.67 -7.30 2.71
CA ILE A 477 -20.50 -8.30 1.66
C ILE A 477 -19.46 -9.30 2.09
N VAL A 478 -19.78 -10.58 2.02
CA VAL A 478 -18.80 -11.64 2.16
C VAL A 478 -18.29 -11.99 0.76
N PHE A 479 -17.05 -11.63 0.49
CA PHE A 479 -16.45 -11.93 -0.81
C PHE A 479 -15.93 -13.36 -0.82
N ASN A 480 -16.36 -14.14 -1.82
CA ASN A 480 -15.77 -15.45 -2.09
C ASN A 480 -14.58 -15.21 -3.01
N VAL A 481 -13.48 -14.74 -2.41
CA VAL A 481 -12.32 -14.33 -3.19
C VAL A 481 -11.76 -15.50 -3.98
N LYS A 482 -11.68 -16.68 -3.36
CA LYS A 482 -11.12 -17.85 -4.04
C LYS A 482 -11.88 -18.15 -5.33
N GLN A 483 -13.21 -18.04 -5.31
CA GLN A 483 -13.99 -18.26 -6.52
C GLN A 483 -13.77 -17.13 -7.52
N MET A 484 -13.66 -15.89 -7.03
CA MET A 484 -13.41 -14.77 -7.92
C MET A 484 -12.05 -14.88 -8.61
N VAL A 485 -11.06 -15.44 -7.92
CA VAL A 485 -9.75 -15.64 -8.53
C VAL A 485 -9.84 -16.67 -9.65
N GLU A 486 -10.57 -17.76 -9.43
CA GLU A 486 -10.68 -18.79 -10.46
C GLU A 486 -11.43 -18.28 -11.68
N GLU A 487 -12.47 -17.49 -11.48
CA GLU A 487 -13.28 -16.97 -12.58
C GLU A 487 -12.76 -15.64 -13.13
N ASN A 488 -11.71 -15.09 -12.53
CA ASN A 488 -11.19 -13.76 -12.88
C ASN A 488 -12.32 -12.73 -12.88
N THR A 489 -13.16 -12.78 -11.85
CA THR A 489 -14.25 -11.82 -11.71
C THR A 489 -13.76 -10.38 -11.75
N PHE A 490 -12.54 -10.14 -11.25
CA PHE A 490 -12.04 -8.77 -11.20
C PHE A 490 -11.96 -8.14 -12.58
N ALA A 491 -11.53 -8.91 -13.58
CA ALA A 491 -11.45 -8.39 -14.94
C ALA A 491 -12.83 -7.99 -15.44
N GLU A 492 -13.86 -8.76 -15.10
CA GLU A 492 -15.22 -8.42 -15.49
C GLU A 492 -15.71 -7.16 -14.78
N LEU A 493 -15.41 -7.04 -13.48
CA LEU A 493 -15.76 -5.83 -12.74
C LEU A 493 -15.16 -4.60 -13.39
N MET A 494 -13.88 -4.68 -13.79
CA MET A 494 -13.25 -3.55 -14.46
C MET A 494 -13.90 -3.26 -15.80
N ARG A 495 -14.20 -4.31 -16.57
CA ARG A 495 -14.85 -4.11 -17.86
C ARG A 495 -16.18 -3.39 -17.70
N VAL A 496 -17.00 -3.82 -16.73
CA VAL A 496 -18.28 -3.18 -16.49
C VAL A 496 -18.09 -1.74 -16.02
N LEU A 497 -17.06 -1.50 -15.20
CA LEU A 497 -16.77 -0.14 -14.74
C LEU A 497 -16.46 0.78 -15.92
N LYS A 498 -15.75 0.28 -16.93
CA LYS A 498 -15.40 1.10 -18.09
C LYS A 498 -16.63 1.49 -18.90
N ALA A 499 -17.61 0.58 -19.00
CA ALA A 499 -18.61 0.67 -20.06
C ALA A 499 -19.49 1.91 -19.91
N LYS A 500 -19.92 2.22 -18.68
CA LYS A 500 -20.84 3.33 -18.48
C LYS A 500 -20.88 3.69 -17.00
N LYS A 501 -21.50 4.81 -16.70
CA LYS A 501 -21.72 5.24 -15.33
C LYS A 501 -23.08 4.77 -14.85
N TYR A 502 -23.12 4.25 -13.64
CA TYR A 502 -24.30 3.58 -13.11
C TYR A 502 -24.95 4.38 -11.99
N TRP A 503 -26.24 4.13 -11.79
CA TRP A 503 -27.04 4.90 -10.84
C TRP A 503 -26.44 4.84 -9.44
N PHE A 504 -26.19 3.63 -8.93
CA PHE A 504 -25.60 3.46 -7.62
C PHE A 504 -24.17 2.92 -7.70
N LEU A 505 -23.45 3.32 -8.74
CA LEU A 505 -21.98 3.19 -8.82
C LEU A 505 -21.59 1.73 -8.64
N ASP A 506 -20.65 1.39 -7.76
CA ASP A 506 -20.15 0.03 -7.65
C ASP A 506 -21.20 -0.94 -7.11
N GLN A 507 -22.19 -0.44 -6.37
CA GLN A 507 -23.29 -1.31 -5.95
C GLN A 507 -24.03 -1.86 -7.17
N ASP A 508 -24.26 -1.00 -8.17
CA ASP A 508 -24.89 -1.46 -9.41
C ASP A 508 -23.96 -2.39 -10.19
N ILE A 509 -22.67 -2.05 -10.23
CA ILE A 509 -21.71 -2.88 -10.96
C ILE A 509 -21.66 -4.28 -10.37
N MET A 510 -21.62 -4.38 -9.04
CA MET A 510 -21.54 -5.68 -8.40
C MET A 510 -22.85 -6.44 -8.50
N ASN A 511 -23.99 -5.76 -8.45
CA ASN A 511 -25.27 -6.44 -8.66
C ASN A 511 -25.36 -7.05 -10.05
N LYS A 512 -24.81 -6.35 -11.06
CA LYS A 512 -24.83 -6.87 -12.41
C LYS A 512 -23.87 -8.05 -12.56
N VAL A 513 -22.65 -7.91 -12.07
CA VAL A 513 -21.64 -8.95 -12.27
C VAL A 513 -21.93 -10.17 -11.39
N PHE A 514 -22.46 -9.96 -10.19
CA PHE A 514 -22.70 -11.07 -9.27
C PHE A 514 -24.12 -11.64 -9.38
N TYR A 515 -24.91 -11.21 -10.36
CA TYR A 515 -26.30 -11.64 -10.45
C TYR A 515 -26.40 -13.16 -10.54
N SER A 516 -27.33 -13.73 -9.77
CA SER A 516 -27.56 -15.16 -9.64
C SER A 516 -26.39 -15.90 -9.02
N ARG A 517 -25.42 -15.18 -8.45
CA ARG A 517 -24.28 -15.77 -7.74
C ARG A 517 -24.20 -15.18 -6.34
N VAL A 518 -25.35 -14.96 -5.71
CA VAL A 518 -25.42 -14.25 -4.44
C VAL A 518 -26.13 -15.14 -3.42
N THR A 519 -25.48 -15.39 -2.29
CA THR A 519 -26.12 -15.95 -1.12
C THR A 519 -26.74 -14.81 -0.32
N PHE A 520 -28.00 -14.94 0.05
CA PHE A 520 -28.72 -13.86 0.70
C PHE A 520 -28.63 -14.01 2.21
N LEU A 521 -28.07 -13.00 2.87
CA LEU A 521 -27.94 -12.96 4.32
C LEU A 521 -29.21 -12.41 4.95
N PRO A 522 -29.57 -12.86 6.15
CA PRO A 522 -30.77 -12.34 6.80
C PRO A 522 -30.65 -10.86 7.08
N LEU A 523 -31.82 -10.20 7.13
CA LEU A 523 -31.87 -8.75 7.24
C LEU A 523 -31.26 -8.23 8.54
N GLU A 524 -31.10 -9.09 9.55
CA GLU A 524 -30.48 -8.68 10.81
C GLU A 524 -29.05 -8.20 10.62
N TRP A 525 -28.40 -8.55 9.51
CA TRP A 525 -27.01 -8.20 9.27
C TRP A 525 -26.84 -6.87 8.55
N ASN A 526 -27.92 -6.17 8.23
CA ASN A 526 -27.83 -4.87 7.58
C ASN A 526 -29.07 -4.05 7.89
N VAL A 527 -29.22 -3.62 9.14
CA VAL A 527 -30.44 -2.94 9.59
C VAL A 527 -30.23 -1.44 9.44
N TYR A 528 -31.00 -0.82 8.56
CA TYR A 528 -31.00 0.64 8.47
C TYR A 528 -31.49 1.23 9.78
N HIS A 529 -30.80 2.28 10.24
CA HIS A 529 -31.25 2.97 11.44
C HIS A 529 -32.47 3.87 11.18
N GLY A 530 -32.80 4.12 9.92
CA GLY A 530 -34.01 4.82 9.56
C GLY A 530 -33.88 6.33 9.40
N ASN A 531 -32.67 6.87 9.51
CA ASN A 531 -32.43 8.32 9.42
C ASN A 531 -33.27 9.00 10.53
N GLY A 532 -33.83 10.18 10.27
CA GLY A 532 -34.67 10.82 11.26
C GLY A 532 -36.08 10.31 11.30
N ASN A 533 -36.57 9.76 10.18
CA ASN A 533 -37.93 9.25 10.08
C ASN A 533 -37.89 7.87 9.44
N THR A 534 -38.24 6.85 10.23
CA THR A 534 -38.28 5.48 9.75
C THR A 534 -39.68 5.01 9.37
N ASP A 535 -40.71 5.79 9.67
CA ASP A 535 -42.09 5.42 9.40
C ASP A 535 -42.61 5.93 8.07
N ASP A 536 -41.79 6.62 7.27
CA ASP A 536 -42.28 7.22 6.04
C ASP A 536 -42.19 6.29 4.83
N PHE A 537 -41.20 5.40 4.81
CA PHE A 537 -40.88 4.61 3.62
C PHE A 537 -41.19 3.13 3.79
N PHE A 538 -40.68 2.51 4.84
CA PHE A 538 -40.71 1.06 5.03
C PHE A 538 -42.11 0.48 5.25
N PRO A 539 -43.02 1.13 5.99
CA PRO A 539 -44.37 0.57 6.15
C PRO A 539 -45.16 0.44 4.86
N ASN A 540 -44.71 1.08 3.77
CA ASN A 540 -45.42 1.00 2.50
C ASN A 540 -44.88 -0.08 1.58
N LEU A 541 -43.87 -0.83 2.01
CA LEU A 541 -43.36 -1.96 1.25
C LEU A 541 -44.36 -3.11 1.28
N LYS A 542 -44.00 -4.21 0.64
CA LYS A 542 -44.74 -5.46 0.81
C LYS A 542 -44.84 -5.79 2.29
N PHE A 543 -46.03 -6.23 2.71
CA PHE A 543 -46.29 -6.44 4.14
C PHE A 543 -45.30 -7.43 4.73
N ALA A 544 -45.01 -8.52 4.02
CA ALA A 544 -44.06 -9.51 4.52
C ALA A 544 -42.68 -8.91 4.72
N THR A 545 -42.26 -8.04 3.80
CA THR A 545 -40.96 -7.38 3.94
C THR A 545 -40.95 -6.43 5.13
N TYR A 546 -42.03 -5.67 5.32
CA TYR A 546 -42.10 -4.76 6.46
C TYR A 546 -42.01 -5.54 7.77
N MET A 547 -42.67 -6.69 7.86
CA MET A 547 -42.55 -7.53 9.05
C MET A 547 -41.12 -7.98 9.26
N LYS A 548 -40.42 -8.36 8.18
CA LYS A 548 -39.03 -8.76 8.30
C LYS A 548 -38.17 -7.59 8.78
N PHE A 549 -38.50 -6.37 8.34
CA PHE A 549 -37.75 -5.20 8.79
C PHE A 549 -38.00 -4.91 10.26
N LEU A 550 -39.25 -5.06 10.72
CA LEU A 550 -39.57 -4.81 12.12
C LEU A 550 -38.90 -5.83 13.02
N ALA A 551 -38.86 -7.10 12.60
CA ALA A 551 -38.21 -8.12 13.41
C ALA A 551 -36.70 -7.92 13.46
N ALA A 552 -36.09 -7.50 12.34
CA ALA A 552 -34.65 -7.29 12.31
C ALA A 552 -34.25 -6.10 13.19
N ARG A 553 -35.08 -5.05 13.23
CA ARG A 553 -34.76 -3.90 14.06
C ARG A 553 -34.69 -4.27 15.54
N LYS A 554 -35.45 -5.27 15.96
CA LYS A 554 -35.54 -5.61 17.37
C LYS A 554 -34.30 -6.33 17.89
N LYS A 555 -33.53 -7.00 17.03
CA LYS A 555 -32.28 -7.64 17.44
C LYS A 555 -31.28 -7.58 16.29
N PRO A 556 -30.79 -6.39 15.97
CA PRO A 556 -29.86 -6.27 14.84
C PRO A 556 -28.53 -6.92 15.13
N LYS A 557 -27.90 -7.44 14.08
CA LYS A 557 -26.53 -7.89 14.17
C LYS A 557 -25.54 -6.88 13.59
N MET A 558 -26.01 -6.00 12.70
CA MET A 558 -25.24 -4.85 12.26
C MET A 558 -26.20 -3.70 12.01
N ILE A 559 -25.86 -2.53 12.51
CA ILE A 559 -26.67 -1.33 12.35
C ILE A 559 -26.01 -0.45 11.31
N HIS A 560 -26.75 -0.08 10.28
CA HIS A 560 -26.23 0.71 9.17
C HIS A 560 -26.78 2.13 9.28
N TYR A 561 -25.90 3.08 9.56
CA TYR A 561 -26.32 4.48 9.63
C TYR A 561 -26.28 5.12 8.25
N ALA A 562 -26.85 4.45 7.26
CA ALA A 562 -26.87 4.98 5.92
C ALA A 562 -27.82 6.17 5.82
N GLY A 563 -27.34 7.23 5.17
CA GLY A 563 -28.19 8.38 4.92
C GLY A 563 -27.60 9.70 5.35
N GLU A 564 -28.48 10.65 5.67
CA GLU A 564 -28.09 12.03 5.93
C GLU A 564 -27.83 12.30 7.41
N ASN A 565 -28.59 11.68 8.32
CA ASN A 565 -28.49 11.93 9.75
C ASN A 565 -27.60 10.88 10.38
N LYS A 566 -26.33 11.23 10.58
CA LYS A 566 -25.34 10.34 11.16
C LYS A 566 -25.26 10.54 12.67
N PRO A 567 -25.03 9.47 13.44
CA PRO A 567 -25.05 9.61 14.91
C PRO A 567 -23.97 10.52 15.47
N TRP A 568 -22.86 10.70 14.76
CA TRP A 568 -21.82 11.61 15.22
C TRP A 568 -22.12 13.07 14.90
N ASN A 569 -23.38 13.40 14.62
CA ASN A 569 -23.73 14.74 14.19
C ASN A 569 -24.95 15.32 14.93
N THR A 570 -25.94 14.48 15.26
CA THR A 570 -27.23 15.03 15.67
C THR A 570 -27.75 14.50 17.01
N GLU A 571 -27.37 13.27 17.37
CA GLU A 571 -27.84 12.60 18.59
C GLU A 571 -29.29 12.14 18.46
N LYS A 572 -30.11 12.92 17.76
CA LYS A 572 -31.54 12.63 17.60
C LYS A 572 -31.71 11.64 16.44
N VAL A 573 -31.39 10.38 16.72
CA VAL A 573 -31.30 9.35 15.71
C VAL A 573 -31.56 8.00 16.37
N ASP A 574 -32.20 7.09 15.63
CA ASP A 574 -32.41 5.73 16.12
C ASP A 574 -31.08 4.99 16.20
N PHE A 575 -30.96 4.13 17.22
CA PHE A 575 -29.72 3.39 17.50
C PHE A 575 -28.56 4.32 17.79
N TYR A 576 -28.86 5.52 18.28
CA TYR A 576 -27.81 6.49 18.58
C TYR A 576 -26.94 6.03 19.75
N ASP A 577 -27.56 5.39 20.74
CA ASP A 577 -26.78 4.88 21.88
C ASP A 577 -25.82 3.78 21.45
N ASP A 578 -26.18 3.00 20.42
CA ASP A 578 -25.30 1.94 19.94
C ASP A 578 -24.02 2.50 19.35
N PHE A 579 -24.09 3.69 18.77
CA PHE A 579 -22.89 4.33 18.24
C PHE A 579 -22.05 4.94 19.36
N ILE A 580 -22.69 5.71 20.23
CA ILE A 580 -21.98 6.36 21.35
C ILE A 580 -21.28 5.31 22.20
N GLU A 581 -21.95 4.19 22.45
CA GLU A 581 -21.38 3.09 23.24
C GLU A 581 -19.98 2.73 22.75
N ASN A 582 -19.77 2.75 21.44
CA ASN A 582 -18.50 2.34 20.87
C ASN A 582 -17.51 3.49 20.66
N ILE A 583 -17.98 4.73 20.74
CA ILE A 583 -17.08 5.87 20.64
C ILE A 583 -16.71 6.44 22.00
N ALA A 584 -17.44 6.08 23.07
CA ALA A 584 -17.06 6.49 24.41
C ALA A 584 -15.76 5.81 24.81
N ASN A 585 -14.95 6.53 25.59
CA ASN A 585 -13.66 6.07 26.07
C ASN A 585 -12.70 5.81 24.90
N THR A 586 -12.81 6.61 23.85
CA THR A 586 -11.83 6.65 22.76
C THR A 586 -11.36 8.10 22.63
N PRO A 587 -10.27 8.38 21.91
CA PRO A 587 -9.86 9.79 21.74
C PRO A 587 -10.88 10.63 21.00
N TRP A 588 -11.83 10.02 20.28
CA TRP A 588 -12.85 10.79 19.57
C TRP A 588 -14.02 11.17 20.46
N GLU A 589 -14.00 10.81 21.75
CA GLU A 589 -15.16 11.00 22.61
C GLU A 589 -15.48 12.49 22.78
N MET A 590 -14.49 13.30 23.15
CA MET A 590 -14.73 14.73 23.30
C MET A 590 -14.93 15.42 21.96
N GLU A 591 -14.45 14.82 20.86
CA GLU A 591 -14.71 15.40 19.54
C GLU A 591 -16.20 15.42 19.24
N ILE A 592 -16.93 14.40 19.70
CA ILE A 592 -18.34 14.28 19.35
C ILE A 592 -19.16 15.42 19.93
N TYR A 593 -18.76 15.94 21.10
CA TYR A 593 -19.53 17.01 21.72
C TYR A 593 -19.42 18.29 20.91
N LYS A 594 -18.20 18.71 20.58
CA LYS A 594 -18.00 19.91 19.78
C LYS A 594 -18.57 19.72 18.37
N ARG A 595 -18.38 18.53 17.79
CA ARG A 595 -18.91 18.25 16.46
C ARG A 595 -20.43 18.18 16.45
N GLN A 596 -21.06 17.99 17.62
CA GLN A 596 -22.51 18.00 17.72
C GLN A 596 -23.08 19.35 18.14
N MET A 597 -22.35 20.13 18.95
CA MET A 597 -22.76 21.50 19.20
C MET A 597 -22.67 22.28 17.89
N SER A 598 -23.66 22.08 17.03
CA SER A 598 -23.67 22.50 15.61
C SER A 598 -22.71 23.63 15.24
MG MG B . -15.77 7.10 30.05
MG MG C . -23.19 2.89 4.30
#